data_3MEV
#
_entry.id   3MEV
#
_cell.length_a   49.966
_cell.length_b   64.979
_cell.length_c   104.967
_cell.angle_alpha   90.00
_cell.angle_beta   90.00
_cell.angle_gamma   90.00
#
_symmetry.space_group_name_H-M   'P 21 21 21'
#
loop_
_entity.id
_entity.type
_entity.pdbx_description
1 polymer 'SAGA-associated factor 29 homolog'
2 polymer 'Histone H3'
3 non-polymer 'SULFATE ION'
4 non-polymer GLYCEROL
5 water water
#
loop_
_entity_poly.entity_id
_entity_poly.type
_entity_poly.pdbx_seq_one_letter_code
_entity_poly.pdbx_strand_id
1 'polypeptide(L)'
;GRRGVL(MSE)TLLQQSA(MSE)TLPLWIGKPGDKPPPLCGAIPASGDYVARPGDKVAARVKAVDGDEQWILAEVVSYSH
ATNKYEVDDIDEEGKERHTLSRRRVIPLPQWKANPETDPEALFQKEQLVLALYPQTTCFYRALIHAPPQRPQDDYSVLFE
DTSYADGYSPPLNVAQRYVVACKEPKKK
;
A,B
2 'polypeptide(L)' AAT(M3L)QTAR C,D
#
loop_
_chem_comp.id
_chem_comp.type
_chem_comp.name
_chem_comp.formula
GOL non-polymer GLYCEROL 'C3 H8 O3'
SO4 non-polymer 'SULFATE ION' 'O4 S -2'
#
# COMPACT_ATOMS: atom_id res chain seq x y z
N GLY A 1 5.18 -24.92 -28.80
CA GLY A 1 3.79 -24.40 -28.99
C GLY A 1 3.63 -23.04 -28.34
N ARG A 2 2.63 -22.29 -28.79
CA ARG A 2 2.40 -20.93 -28.30
C ARG A 2 2.16 -20.93 -26.79
N ARG A 3 1.49 -21.96 -26.29
CA ARG A 3 1.16 -22.10 -24.86
C ARG A 3 2.42 -22.25 -24.00
N GLY A 4 3.30 -23.17 -24.42
CA GLY A 4 4.58 -23.40 -23.75
C GLY A 4 5.48 -22.17 -23.76
N VAL A 5 5.48 -21.47 -24.88
CA VAL A 5 6.27 -20.26 -25.06
C VAL A 5 5.81 -19.19 -24.09
N LEU A 6 4.49 -19.02 -24.00
CA LEU A 6 3.90 -18.03 -23.11
C LEU A 6 4.22 -18.36 -21.65
N MSE A 7 3.97 -19.61 -21.26
CA MSE A 7 4.29 -20.11 -19.93
C MSE A 7 5.77 -19.98 -19.54
O MSE A 7 6.08 -19.64 -18.39
CB MSE A 7 3.89 -21.60 -19.82
CG MSE A 7 2.40 -21.82 -19.73
SE MSE A 7 1.77 -20.89 -18.16
CE MSE A 7 0.67 -19.68 -19.00
N THR A 8 6.68 -20.24 -20.47
CA THR A 8 8.11 -20.04 -20.24
C THR A 8 8.41 -18.57 -19.94
N LEU A 9 7.94 -17.70 -20.82
CA LEU A 9 8.16 -16.27 -20.73
C LEU A 9 7.68 -15.73 -19.38
N LEU A 10 6.48 -16.16 -19.00
CA LEU A 10 5.86 -15.86 -17.72
C LEU A 10 6.71 -16.27 -16.56
N GLN A 11 7.07 -17.54 -16.57
CA GLN A 11 7.88 -18.17 -15.55
C GLN A 11 9.22 -17.45 -15.47
N GLN A 12 9.80 -17.09 -16.61
CA GLN A 12 11.07 -16.38 -16.62
C GLN A 12 11.03 -14.95 -16.08
N SER A 13 10.02 -14.16 -16.46
CA SER A 13 9.87 -12.81 -15.91
C SER A 13 9.77 -12.84 -14.38
N ALA A 14 9.13 -13.86 -13.85
CA ALA A 14 9.00 -14.02 -12.40
C ALA A 14 10.35 -14.19 -11.73
N MSE A 15 11.22 -15.04 -12.25
N MSE A 15 11.17 -15.05 -12.33
CA MSE A 15 12.50 -15.24 -11.53
CA MSE A 15 12.49 -15.40 -11.83
C MSE A 15 13.59 -14.21 -11.82
C MSE A 15 13.49 -14.24 -11.83
O MSE A 15 14.58 -14.14 -11.06
O MSE A 15 14.29 -14.11 -10.89
CB MSE A 15 13.01 -16.70 -11.56
CB MSE A 15 13.03 -16.57 -12.66
CG MSE A 15 13.65 -17.16 -12.85
CG MSE A 15 13.06 -17.94 -11.97
SE MSE A 15 14.08 -19.08 -12.80
SE MSE A 15 11.65 -18.46 -10.69
CE MSE A 15 13.44 -19.49 -14.58
CE MSE A 15 10.08 -17.86 -11.62
N THR A 16 13.42 -13.40 -12.87
CA THR A 16 14.35 -12.26 -13.07
C THR A 16 14.07 -11.05 -12.16
N LEU A 17 12.91 -11.04 -11.50
CA LEU A 17 12.56 -9.90 -10.64
C LEU A 17 13.65 -9.71 -9.58
N PRO A 18 14.28 -8.52 -9.56
CA PRO A 18 15.38 -8.29 -8.63
C PRO A 18 14.95 -8.34 -7.17
N LEU A 19 15.83 -8.83 -6.31
CA LEU A 19 15.58 -8.81 -4.90
C LEU A 19 16.01 -7.46 -4.35
N TRP A 20 15.20 -6.85 -3.51
CA TRP A 20 15.56 -5.56 -2.93
C TRP A 20 16.62 -5.84 -1.86
N ILE A 21 17.78 -5.20 -1.98
CA ILE A 21 18.89 -5.39 -1.02
C ILE A 21 19.27 -4.02 -0.43
N GLY A 22 18.64 -3.66 0.67
CA GLY A 22 18.95 -2.39 1.30
C GLY A 22 20.07 -2.60 2.30
N LYS A 23 20.46 -1.53 2.98
CA LYS A 23 21.39 -1.63 4.12
C LYS A 23 20.66 -1.02 5.31
N PRO A 24 21.21 -1.18 6.54
CA PRO A 24 20.55 -0.64 7.74
C PRO A 24 20.12 0.82 7.59
N GLY A 25 18.86 1.10 7.91
CA GLY A 25 18.31 2.44 7.69
C GLY A 25 17.46 2.59 6.44
N ASP A 26 17.65 1.74 5.44
CA ASP A 26 16.90 1.88 4.18
C ASP A 26 15.53 1.27 4.34
N LYS A 27 14.52 1.87 3.73
CA LYS A 27 13.21 1.22 3.69
C LYS A 27 13.01 0.68 2.28
N PRO A 28 12.20 -0.37 2.13
CA PRO A 28 11.97 -0.86 0.77
C PRO A 28 11.17 0.18 -0.04
N PRO A 29 11.49 0.32 -1.35
CA PRO A 29 10.90 1.41 -2.13
C PRO A 29 9.47 1.09 -2.61
N PRO A 30 8.78 2.10 -3.17
CA PRO A 30 7.51 1.81 -3.85
C PRO A 30 7.75 0.71 -4.89
N LEU A 31 6.77 -0.20 -5.01
CA LEU A 31 6.86 -1.33 -5.94
C LEU A 31 7.86 -2.41 -5.60
N CYS A 32 8.40 -2.39 -4.38
CA CYS A 32 9.04 -3.55 -3.85
C CYS A 32 7.99 -4.42 -3.18
N GLY A 33 7.76 -5.63 -3.71
CA GLY A 33 6.77 -6.51 -3.12
C GLY A 33 5.40 -5.87 -3.01
N ALA A 34 4.85 -5.90 -1.80
CA ALA A 34 3.55 -5.31 -1.49
C ALA A 34 3.49 -3.79 -1.31
N ILE A 35 4.64 -3.11 -1.37
CA ILE A 35 4.62 -1.65 -1.21
C ILE A 35 4.01 -1.00 -2.47
N PRO A 36 2.93 -0.22 -2.29
CA PRO A 36 2.18 0.31 -3.44
C PRO A 36 2.99 1.34 -4.20
N ALA A 37 2.63 1.58 -5.45
CA ALA A 37 3.21 2.66 -6.20
C ALA A 37 2.90 3.99 -5.52
N SER A 38 3.75 4.99 -5.73
CA SER A 38 3.47 6.37 -5.34
C SER A 38 2.18 6.90 -5.99
N GLY A 39 1.54 7.85 -5.33
CA GLY A 39 0.22 8.40 -5.72
C GLY A 39 -0.05 8.89 -7.12
N ASP A 40 0.94 9.46 -7.80
CA ASP A 40 0.69 9.88 -9.19
C ASP A 40 1.67 9.22 -10.15
N TYR A 41 2.06 7.99 -9.80
CA TYR A 41 3.01 7.24 -10.56
C TYR A 41 2.46 6.92 -11.94
N VAL A 42 3.34 7.00 -12.92
CA VAL A 42 3.00 6.56 -14.27
C VAL A 42 4.02 5.50 -14.67
N ALA A 43 3.51 4.32 -15.04
CA ALA A 43 4.37 3.20 -15.44
C ALA A 43 5.14 3.53 -16.72
N ARG A 44 6.34 2.99 -16.84
CA ARG A 44 7.25 3.28 -17.95
C ARG A 44 7.04 2.32 -19.11
N PRO A 45 7.46 2.72 -20.33
CA PRO A 45 7.52 1.76 -21.44
C PRO A 45 8.32 0.50 -21.10
N GLY A 46 7.73 -0.67 -21.37
CA GLY A 46 8.35 -1.95 -21.07
C GLY A 46 7.99 -2.53 -19.71
N ASP A 47 7.34 -1.72 -18.86
CA ASP A 47 6.96 -2.14 -17.50
C ASP A 47 5.78 -3.11 -17.56
N LYS A 48 5.80 -4.12 -16.69
CA LYS A 48 4.70 -5.08 -16.59
C LYS A 48 3.59 -4.54 -15.70
N VAL A 49 2.34 -4.74 -16.13
CA VAL A 49 1.16 -4.31 -15.36
C VAL A 49 0.06 -5.35 -15.37
N ALA A 50 -0.87 -5.23 -14.43
CA ALA A 50 -2.16 -5.90 -14.52
C ALA A 50 -3.13 -4.86 -15.07
N ALA A 51 -3.78 -5.20 -16.18
CA ALA A 51 -4.66 -4.29 -16.89
C ALA A 51 -6.05 -4.85 -16.98
N ARG A 52 -7.06 -4.06 -16.56
CA ARG A 52 -8.48 -4.42 -16.59
C ARG A 52 -8.99 -4.11 -17.99
N VAL A 53 -9.15 -5.16 -18.79
CA VAL A 53 -9.51 -5.06 -20.20
C VAL A 53 -10.92 -5.63 -20.39
N LYS A 54 -11.71 -4.96 -21.20
CA LYS A 54 -13.05 -5.36 -21.54
C LYS A 54 -12.98 -5.91 -22.97
N ALA A 55 -13.22 -7.22 -23.12
CA ALA A 55 -13.31 -7.86 -24.43
C ALA A 55 -14.40 -7.19 -25.32
N VAL A 56 -14.46 -7.59 -26.58
CA VAL A 56 -15.52 -7.16 -27.52
C VAL A 56 -16.96 -7.40 -26.99
N ASP A 57 -17.15 -8.50 -26.26
CA ASP A 57 -18.47 -8.85 -25.69
C ASP A 57 -18.79 -8.19 -24.32
N GLY A 58 -17.81 -7.48 -23.74
CA GLY A 58 -18.00 -6.76 -22.48
C GLY A 58 -17.46 -7.43 -21.22
N ASP A 59 -16.98 -8.66 -21.36
CA ASP A 59 -16.38 -9.46 -20.29
C ASP A 59 -15.11 -8.79 -19.75
N GLU A 60 -15.04 -8.58 -18.43
CA GLU A 60 -13.93 -7.88 -17.75
C GLU A 60 -12.91 -8.87 -17.19
N GLN A 61 -11.64 -8.66 -17.52
CA GLN A 61 -10.51 -9.46 -17.02
C GLN A 61 -9.31 -8.57 -16.72
N TRP A 62 -8.65 -8.83 -15.60
CA TRP A 62 -7.32 -8.30 -15.33
C TRP A 62 -6.34 -9.23 -16.04
N ILE A 63 -5.63 -8.69 -17.03
CA ILE A 63 -4.64 -9.47 -17.79
C ILE A 63 -3.21 -9.01 -17.51
N LEU A 64 -2.25 -9.92 -17.69
CA LEU A 64 -0.83 -9.55 -17.70
C LEU A 64 -0.53 -8.78 -18.98
N ALA A 65 0.20 -7.68 -18.84
CA ALA A 65 0.39 -6.76 -19.94
C ALA A 65 1.66 -5.94 -19.75
N GLU A 66 2.02 -5.19 -20.80
CA GLU A 66 3.23 -4.40 -20.80
C GLU A 66 2.89 -3.01 -21.29
N VAL A 67 3.44 -1.99 -20.62
CA VAL A 67 3.15 -0.63 -21.05
C VAL A 67 3.91 -0.35 -22.35
N VAL A 68 3.22 0.29 -23.28
CA VAL A 68 3.84 0.81 -24.51
C VAL A 68 4.13 2.32 -24.41
N SER A 69 3.12 3.09 -24.01
CA SER A 69 3.22 4.54 -23.84
C SER A 69 2.18 5.04 -22.83
N TYR A 70 2.35 6.28 -22.37
CA TYR A 70 1.31 6.98 -21.61
C TYR A 70 1.22 8.38 -22.15
N SER A 71 0.00 8.83 -22.39
CA SER A 71 -0.17 10.16 -22.94
C SER A 71 -0.71 11.08 -21.87
N HIS A 72 0.01 12.16 -21.59
CA HIS A 72 -0.46 13.11 -20.60
C HIS A 72 -1.61 13.95 -21.11
N ALA A 73 -1.79 13.96 -22.44
CA ALA A 73 -2.89 14.69 -23.06
C ALA A 73 -4.24 14.17 -22.59
N THR A 74 -4.36 12.84 -22.53
CA THR A 74 -5.65 12.20 -22.27
C THR A 74 -5.60 11.40 -20.98
N ASN A 75 -4.41 11.30 -20.42
CA ASN A 75 -4.16 10.52 -19.21
C ASN A 75 -4.57 9.06 -19.40
N LYS A 76 -4.10 8.48 -20.52
CA LYS A 76 -4.34 7.09 -20.86
C LYS A 76 -3.05 6.37 -21.14
N TYR A 77 -3.00 5.09 -20.77
CA TYR A 77 -1.93 4.20 -21.18
C TYR A 77 -2.27 3.52 -22.50
N GLU A 78 -1.24 3.18 -23.25
CA GLU A 78 -1.32 2.05 -24.18
C GLU A 78 -0.60 0.87 -23.61
N VAL A 79 -1.25 -0.30 -23.63
CA VAL A 79 -0.61 -1.53 -23.13
C VAL A 79 -0.70 -2.68 -24.14
N ASP A 80 0.34 -3.53 -24.19
CA ASP A 80 0.32 -4.76 -24.98
C ASP A 80 0.12 -5.99 -24.08
N ASP A 81 -0.80 -6.85 -24.50
CA ASP A 81 -0.93 -8.22 -23.95
C ASP A 81 0.44 -8.93 -24.04
N ILE A 82 0.85 -9.65 -22.98
CA ILE A 82 2.13 -10.38 -23.03
C ILE A 82 2.02 -11.59 -23.96
N ASP A 83 0.77 -11.96 -24.28
CA ASP A 83 0.42 -13.06 -25.15
C ASP A 83 0.38 -12.58 -26.60
N GLU A 84 1.21 -13.20 -27.46
CA GLU A 84 1.19 -12.91 -28.91
C GLU A 84 -0.22 -12.98 -29.53
N GLU A 85 -1.05 -13.92 -29.10
CA GLU A 85 -2.44 -14.04 -29.63
C GLU A 85 -3.38 -12.96 -29.12
N GLY A 86 -2.88 -12.08 -28.26
CA GLY A 86 -3.65 -10.92 -27.80
C GLY A 86 -3.24 -9.76 -28.68
N LYS A 87 -3.89 -9.63 -29.83
CA LYS A 87 -3.40 -8.81 -30.93
C LYS A 87 -3.79 -7.33 -30.81
N GLU A 88 -4.57 -6.98 -29.78
CA GLU A 88 -5.03 -5.61 -29.56
C GLU A 88 -4.23 -4.85 -28.50
N ARG A 89 -3.74 -3.68 -28.90
CA ARG A 89 -3.12 -2.69 -28.01
C ARG A 89 -4.28 -1.89 -27.42
N HIS A 90 -4.46 -1.96 -26.10
CA HIS A 90 -5.63 -1.38 -25.45
C HIS A 90 -5.31 0.01 -24.96
N THR A 91 -6.30 0.89 -25.04
CA THR A 91 -6.24 2.23 -24.46
C THR A 91 -6.97 2.22 -23.14
N LEU A 92 -6.25 2.52 -22.06
CA LEU A 92 -6.78 2.32 -20.70
C LEU A 92 -6.56 3.53 -19.80
N SER A 93 -7.61 3.89 -19.06
CA SER A 93 -7.52 4.85 -17.96
C SER A 93 -6.60 4.34 -16.87
N ARG A 94 -6.03 5.26 -16.09
CA ARG A 94 -5.10 4.89 -15.02
CA ARG A 94 -5.11 4.93 -15.00
C ARG A 94 -5.70 3.90 -14.02
N ARG A 95 -7.00 4.04 -13.73
CA ARG A 95 -7.64 3.16 -12.74
C ARG A 95 -7.72 1.70 -13.18
N ARG A 96 -7.55 1.46 -14.49
CA ARG A 96 -7.51 0.11 -15.06
C ARG A 96 -6.13 -0.49 -15.15
N VAL A 97 -5.12 0.17 -14.54
CA VAL A 97 -3.76 -0.30 -14.69
C VAL A 97 -3.09 -0.34 -13.33
N ILE A 98 -2.64 -1.53 -12.93
CA ILE A 98 -1.88 -1.68 -11.66
C ILE A 98 -0.46 -2.09 -11.99
N PRO A 99 0.52 -1.27 -11.61
CA PRO A 99 1.89 -1.70 -11.85
C PRO A 99 2.24 -2.91 -11.01
N LEU A 100 2.92 -3.87 -11.63
CA LEU A 100 3.42 -5.04 -10.93
C LEU A 100 4.65 -4.65 -10.14
N PRO A 101 5.00 -5.43 -9.11
CA PRO A 101 6.23 -5.13 -8.38
C PRO A 101 7.47 -5.11 -9.27
N GLN A 102 8.38 -4.18 -8.95
CA GLN A 102 9.66 -4.09 -9.61
C GLN A 102 10.84 -4.69 -8.84
N TRP A 103 10.61 -5.03 -7.56
CA TRP A 103 11.52 -5.90 -6.79
C TRP A 103 10.74 -6.94 -6.00
N LYS A 104 11.40 -8.05 -5.67
CA LYS A 104 10.89 -9.01 -4.70
C LYS A 104 11.32 -8.47 -3.35
N ALA A 105 10.45 -8.56 -2.36
CA ALA A 105 10.82 -8.30 -0.96
C ALA A 105 11.43 -9.55 -0.38
N ASN A 106 12.54 -9.41 0.31
CA ASN A 106 13.15 -10.53 1.00
C ASN A 106 12.47 -10.75 2.35
N PRO A 107 11.92 -11.95 2.60
CA PRO A 107 11.25 -12.18 3.89
C PRO A 107 12.21 -12.10 5.08
N GLU A 108 13.48 -12.41 4.84
CA GLU A 108 14.52 -12.39 5.89
C GLU A 108 15.00 -10.98 6.31
N THR A 109 14.69 -9.95 5.52
CA THR A 109 15.17 -8.60 5.83
C THR A 109 14.08 -7.53 5.82
N ASP A 110 13.07 -7.71 4.96
CA ASP A 110 11.98 -6.74 4.81
C ASP A 110 10.58 -7.40 4.80
N PRO A 111 10.24 -8.17 5.85
CA PRO A 111 8.91 -8.82 5.90
C PRO A 111 7.74 -7.86 5.82
N GLU A 112 7.94 -6.61 6.22
CA GLU A 112 6.83 -5.64 6.15
C GLU A 112 6.42 -5.28 4.71
N ALA A 113 7.22 -5.68 3.72
CA ALA A 113 6.88 -5.44 2.30
C ALA A 113 6.25 -6.65 1.63
N LEU A 114 5.80 -7.61 2.45
CA LEU A 114 5.04 -8.79 1.98
C LEU A 114 3.57 -8.66 2.37
N PHE A 115 2.66 -9.17 1.53
CA PHE A 115 1.28 -9.24 1.92
C PHE A 115 1.09 -10.18 3.12
N GLN A 116 0.21 -9.77 4.05
CA GLN A 116 -0.08 -10.57 5.22
C GLN A 116 -1.05 -11.74 4.94
N LYS A 117 -0.92 -12.80 5.72
CA LYS A 117 -1.88 -13.91 5.67
C LYS A 117 -3.29 -13.36 5.73
N GLU A 118 -4.17 -13.91 4.89
CA GLU A 118 -5.58 -13.51 4.82
C GLU A 118 -5.87 -12.20 4.09
N GLN A 119 -4.82 -11.50 3.63
CA GLN A 119 -5.04 -10.30 2.82
C GLN A 119 -5.65 -10.68 1.47
N LEU A 120 -6.62 -9.92 1.04
CA LEU A 120 -7.18 -10.08 -0.31
C LEU A 120 -6.25 -9.47 -1.37
N VAL A 121 -5.91 -10.26 -2.39
CA VAL A 121 -5.04 -9.84 -3.49
C VAL A 121 -5.63 -10.15 -4.88
N LEU A 122 -5.05 -9.56 -5.92
CA LEU A 122 -5.17 -10.09 -7.29
C LEU A 122 -3.91 -10.86 -7.62
N ALA A 123 -4.08 -12.13 -7.97
CA ALA A 123 -2.95 -12.99 -8.28
C ALA A 123 -3.14 -13.67 -9.62
N LEU A 124 -2.03 -13.87 -10.34
CA LEU A 124 -2.05 -14.58 -11.62
C LEU A 124 -2.36 -16.06 -11.39
N TYR A 125 -3.44 -16.54 -12.01
CA TYR A 125 -3.81 -17.95 -11.85
C TYR A 125 -2.89 -18.85 -12.67
N PRO A 126 -2.41 -19.95 -12.08
CA PRO A 126 -1.53 -20.90 -12.78
C PRO A 126 -2.07 -21.32 -14.15
N GLN A 127 -1.15 -21.36 -15.12
CA GLN A 127 -1.46 -21.76 -16.50
C GLN A 127 -2.31 -20.71 -17.24
N THR A 128 -2.46 -19.53 -16.65
CA THR A 128 -3.15 -18.41 -17.31
C THR A 128 -2.22 -17.18 -17.34
N THR A 129 -2.65 -16.14 -18.03
CA THR A 129 -2.02 -14.82 -17.93
C THR A 129 -3.04 -13.80 -17.38
N CYS A 130 -3.89 -14.25 -16.46
CA CYS A 130 -4.95 -13.40 -15.92
C CYS A 130 -4.93 -13.37 -14.39
N PHE A 131 -5.34 -12.24 -13.83
CA PHE A 131 -5.34 -12.07 -12.37
C PHE A 131 -6.74 -12.28 -11.84
N TYR A 132 -6.84 -12.90 -10.67
CA TYR A 132 -8.12 -13.18 -10.05
C TYR A 132 -8.00 -12.97 -8.57
N ARG A 133 -9.13 -12.71 -7.94
CA ARG A 133 -9.18 -12.49 -6.48
C ARG A 133 -8.78 -13.73 -5.67
N ALA A 134 -7.96 -13.52 -4.64
CA ALA A 134 -7.42 -14.61 -3.83
C ALA A 134 -7.04 -14.10 -2.45
N LEU A 135 -6.95 -15.02 -1.49
CA LEU A 135 -6.46 -14.69 -0.16
C LEU A 135 -5.09 -15.25 0.03
N ILE A 136 -4.25 -14.48 0.71
CA ILE A 136 -2.92 -14.95 1.02
C ILE A 136 -3.06 -16.12 1.98
N HIS A 137 -2.39 -17.22 1.64
CA HIS A 137 -2.37 -18.37 2.52
C HIS A 137 -1.08 -18.39 3.32
N ALA A 138 0.04 -18.18 2.62
CA ALA A 138 1.36 -18.11 3.24
C ALA A 138 2.28 -17.21 2.43
N PRO A 139 3.03 -16.31 3.11
CA PRO A 139 4.09 -15.57 2.41
C PRO A 139 5.28 -16.46 2.06
N PRO A 140 6.18 -15.99 1.17
CA PRO A 140 7.41 -16.75 0.92
C PRO A 140 8.25 -16.79 2.18
N GLN A 141 8.84 -17.95 2.49
CA GLN A 141 9.72 -18.09 3.65
C GLN A 141 11.11 -17.59 3.25
N ARG A 142 11.49 -17.89 2.01
CA ARG A 142 12.79 -17.52 1.47
C ARG A 142 12.65 -16.62 0.25
N PRO A 143 13.72 -15.87 -0.11
CA PRO A 143 13.62 -14.95 -1.23
C PRO A 143 13.18 -15.59 -2.55
N GLN A 144 13.53 -16.85 -2.77
CA GLN A 144 13.14 -17.55 -3.99
C GLN A 144 11.67 -18.01 -4.02
N ASP A 145 11.01 -18.09 -2.86
CA ASP A 145 9.70 -18.74 -2.74
C ASP A 145 8.53 -17.95 -3.26
N ASP A 146 7.52 -18.65 -3.78
CA ASP A 146 6.24 -18.05 -4.18
C ASP A 146 5.41 -17.77 -2.95
N TYR A 147 4.42 -16.89 -3.12
CA TYR A 147 3.27 -16.88 -2.21
C TYR A 147 2.48 -18.17 -2.42
N SER A 148 1.83 -18.63 -1.36
CA SER A 148 0.75 -19.61 -1.44
C SER A 148 -0.53 -18.81 -1.31
N VAL A 149 -1.49 -19.06 -2.21
CA VAL A 149 -2.77 -18.35 -2.14
C VAL A 149 -3.99 -19.27 -2.32
N LEU A 150 -5.12 -18.80 -1.77
CA LEU A 150 -6.42 -19.45 -1.97
C LEU A 150 -7.24 -18.58 -2.90
N PHE A 151 -7.44 -19.02 -4.16
CA PHE A 151 -8.28 -18.28 -5.08
C PHE A 151 -9.76 -18.42 -4.76
N GLU A 152 -10.54 -17.37 -4.96
CA GLU A 152 -11.98 -17.51 -4.86
C GLU A 152 -12.36 -18.38 -6.06
N ASP A 153 -13.21 -19.36 -5.80
CA ASP A 153 -13.51 -20.39 -6.79
C ASP A 153 -14.81 -21.03 -6.36
N THR A 154 -15.87 -20.64 -7.03
CA THR A 154 -17.20 -21.12 -6.67
C THR A 154 -17.40 -22.60 -7.00
N SER A 155 -16.41 -23.25 -7.62
CA SER A 155 -16.52 -24.68 -7.89
C SER A 155 -16.23 -25.55 -6.66
N TYR A 156 -15.70 -24.93 -5.61
CA TYR A 156 -15.49 -25.57 -4.32
C TYR A 156 -16.62 -25.20 -3.36
N ALA A 157 -16.97 -26.13 -2.46
CA ALA A 157 -18.11 -25.92 -1.57
C ALA A 157 -17.85 -24.79 -0.60
N ASP A 158 -16.60 -24.59 -0.20
CA ASP A 158 -16.25 -23.49 0.67
C ASP A 158 -15.90 -22.18 -0.07
N GLY A 159 -15.96 -22.17 -1.40
CA GLY A 159 -15.69 -20.95 -2.14
C GLY A 159 -14.24 -20.64 -2.47
N TYR A 160 -13.31 -21.54 -2.10
CA TYR A 160 -11.85 -21.34 -2.33
C TYR A 160 -11.15 -22.54 -2.93
N SER A 161 -10.14 -22.27 -3.78
CA SER A 161 -9.23 -23.26 -4.31
C SER A 161 -8.36 -23.78 -3.17
N PRO A 162 -7.71 -24.94 -3.38
CA PRO A 162 -6.59 -25.35 -2.54
C PRO A 162 -5.46 -24.33 -2.66
N PRO A 163 -4.48 -24.39 -1.75
CA PRO A 163 -3.33 -23.51 -1.86
C PRO A 163 -2.66 -23.65 -3.22
N LEU A 164 -2.43 -22.53 -3.90
CA LEU A 164 -1.69 -22.51 -5.15
C LEU A 164 -0.55 -21.49 -5.10
N ASN A 165 0.56 -21.82 -5.75
CA ASN A 165 1.77 -21.00 -5.73
C ASN A 165 1.80 -19.91 -6.80
N VAL A 166 1.98 -18.66 -6.35
CA VAL A 166 2.05 -17.50 -7.24
C VAL A 166 3.29 -16.67 -6.88
N ALA A 167 4.12 -16.38 -7.86
CA ALA A 167 5.37 -15.62 -7.62
C ALA A 167 5.13 -14.17 -7.22
N GLN A 168 6.10 -13.52 -6.56
CA GLN A 168 5.91 -12.12 -6.10
C GLN A 168 5.59 -11.13 -7.24
N ARG A 169 6.12 -11.40 -8.44
CA ARG A 169 5.88 -10.51 -9.57
C ARG A 169 4.40 -10.40 -9.88
N TYR A 170 3.64 -11.45 -9.53
CA TYR A 170 2.26 -11.62 -9.98
C TYR A 170 1.22 -11.55 -8.89
N VAL A 171 1.55 -10.85 -7.81
CA VAL A 171 0.60 -10.63 -6.74
C VAL A 171 0.54 -9.14 -6.42
N VAL A 172 -0.64 -8.56 -6.59
CA VAL A 172 -0.89 -7.13 -6.33
C VAL A 172 -2.10 -6.94 -5.42
N ALA A 173 -2.23 -5.73 -4.87
CA ALA A 173 -3.33 -5.45 -3.98
C ALA A 173 -4.69 -5.44 -4.72
N CYS A 174 -5.71 -6.01 -4.08
CA CYS A 174 -7.11 -5.91 -4.54
C CYS A 174 -7.82 -4.85 -3.69
N LYS A 175 -8.35 -3.79 -4.28
CA LYS A 175 -8.94 -3.80 -5.64
C LYS A 175 -8.22 -3.00 -6.71
N GLY B 1 -6.18 18.47 31.98
CA GLY B 1 -4.97 19.35 31.89
C GLY B 1 -4.59 19.53 30.43
N ARG B 2 -3.33 19.86 30.20
CA ARG B 2 -2.82 20.04 28.84
C ARG B 2 -2.99 18.80 27.94
N ARG B 3 -2.76 17.61 28.52
CA ARG B 3 -2.87 16.34 27.77
C ARG B 3 -4.29 16.06 27.24
N GLY B 4 -5.28 16.21 28.10
CA GLY B 4 -6.69 15.98 27.75
C GLY B 4 -7.18 16.95 26.69
N VAL B 5 -6.70 18.20 26.77
CA VAL B 5 -7.07 19.23 25.79
C VAL B 5 -6.44 18.90 24.43
N LEU B 6 -5.20 18.45 24.46
CA LEU B 6 -4.52 18.03 23.24
C LEU B 6 -5.30 16.90 22.56
N MSE B 7 -5.77 15.93 23.35
CA MSE B 7 -6.50 14.79 22.77
C MSE B 7 -7.79 15.26 22.11
O MSE B 7 -8.15 14.79 21.04
CB MSE B 7 -6.74 13.68 23.82
CG MSE B 7 -5.46 13.03 24.35
SE MSE B 7 -4.22 12.40 22.97
CE MSE B 7 -2.57 12.63 23.97
N THR B 8 -8.46 16.23 22.74
CA THR B 8 -9.66 16.84 22.18
C THR B 8 -9.32 17.51 20.85
N LEU B 9 -8.19 18.21 20.81
CA LEU B 9 -7.72 18.84 19.59
C LEU B 9 -7.45 17.83 18.50
N LEU B 10 -6.82 16.72 18.87
CA LEU B 10 -6.43 15.74 17.86
C LEU B 10 -7.63 14.98 17.32
N GLN B 11 -8.60 14.70 18.19
CA GLN B 11 -9.86 14.11 17.77
C GLN B 11 -10.56 15.06 16.81
N GLN B 12 -10.60 16.35 17.15
CA GLN B 12 -11.22 17.35 16.29
C GLN B 12 -10.54 17.41 14.94
N SER B 13 -9.20 17.41 14.92
CA SER B 13 -8.42 17.42 13.66
C SER B 13 -8.80 16.27 12.75
N ALA B 14 -9.00 15.09 13.33
CA ALA B 14 -9.43 13.90 12.58
C ALA B 14 -10.83 14.07 11.98
N MSE B 15 -11.73 14.67 12.77
N MSE B 15 -11.72 14.68 12.78
CA MSE B 15 -13.13 14.85 12.35
CA MSE B 15 -13.10 14.91 12.39
C MSE B 15 -13.26 15.88 11.22
C MSE B 15 -13.23 15.87 11.22
O MSE B 15 -14.05 15.68 10.29
O MSE B 15 -14.00 15.62 10.28
CB MSE B 15 -14.00 15.27 13.56
CB MSE B 15 -13.87 15.48 13.59
CG MSE B 15 -15.47 14.81 13.52
CG MSE B 15 -14.09 14.47 14.67
SE MSE B 15 -16.30 15.08 15.30
SE MSE B 15 -15.13 13.06 13.88
CE MSE B 15 -14.74 14.58 16.34
CE MSE B 15 -13.70 11.92 13.14
N THR B 16 -12.47 16.95 11.28
CA THR B 16 -12.54 18.04 10.30
C THR B 16 -11.86 17.73 8.97
N LEU B 17 -11.01 16.70 8.95
CA LEU B 17 -10.41 16.20 7.70
C LEU B 17 -11.45 16.07 6.60
N PRO B 18 -11.28 16.83 5.52
CA PRO B 18 -12.35 16.81 4.50
C PRO B 18 -12.45 15.45 3.82
N LEU B 19 -13.67 15.06 3.44
CA LEU B 19 -13.88 13.88 2.60
C LEU B 19 -13.47 14.22 1.17
N TRP B 20 -12.80 13.29 0.49
CA TRP B 20 -12.48 13.46 -0.93
C TRP B 20 -13.72 13.18 -1.78
N ILE B 21 -14.04 14.12 -2.68
CA ILE B 21 -15.20 14.02 -3.58
C ILE B 21 -14.69 14.02 -5.01
N GLY B 22 -14.61 12.85 -5.62
CA GLY B 22 -14.02 12.75 -6.94
C GLY B 22 -15.13 12.94 -7.96
N LYS B 23 -14.86 12.54 -9.19
CA LYS B 23 -15.89 12.46 -10.21
C LYS B 23 -15.70 11.12 -10.92
N PRO B 24 -16.71 10.63 -11.66
CA PRO B 24 -16.67 9.27 -12.16
C PRO B 24 -15.49 9.02 -13.09
N GLY B 25 -14.88 7.84 -12.94
CA GLY B 25 -13.77 7.43 -13.81
C GLY B 25 -12.36 7.84 -13.41
N ASP B 26 -12.20 8.44 -12.24
CA ASP B 26 -10.91 8.96 -11.85
C ASP B 26 -10.20 8.06 -10.84
N LYS B 27 -8.99 8.47 -10.45
CA LYS B 27 -8.25 7.88 -9.35
C LYS B 27 -8.27 8.88 -8.19
N PRO B 28 -8.41 8.39 -6.95
CA PRO B 28 -8.26 9.29 -5.81
C PRO B 28 -6.85 9.89 -5.73
N PRO B 29 -6.72 11.17 -5.32
CA PRO B 29 -5.42 11.84 -5.36
C PRO B 29 -4.47 11.32 -4.27
N PRO B 30 -3.15 11.51 -4.45
CA PRO B 30 -2.20 11.21 -3.38
C PRO B 30 -2.63 11.84 -2.06
N LEU B 31 -2.46 11.12 -0.96
CA LEU B 31 -2.89 11.58 0.37
C LEU B 31 -4.42 11.64 0.59
N CYS B 32 -5.19 11.07 -0.33
CA CYS B 32 -6.57 10.71 -0.02
C CYS B 32 -6.51 9.36 0.72
N GLY B 33 -6.82 9.36 2.03
CA GLY B 33 -6.85 8.10 2.77
C GLY B 33 -5.53 7.34 2.67
N ALA B 34 -5.61 6.12 2.15
CA ALA B 34 -4.47 5.21 2.01
C ALA B 34 -3.56 5.43 0.78
N ILE B 35 -3.97 6.32 -0.14
CA ILE B 35 -3.17 6.60 -1.32
C ILE B 35 -1.82 7.26 -0.93
N PRO B 36 -0.67 6.63 -1.29
CA PRO B 36 0.62 7.21 -0.88
C PRO B 36 0.87 8.58 -1.50
N ALA B 37 1.74 9.34 -0.84
CA ALA B 37 2.24 10.61 -1.40
C ALA B 37 2.83 10.42 -2.81
N SER B 38 2.85 11.49 -3.59
CA SER B 38 3.58 11.46 -4.87
C SER B 38 5.09 11.21 -4.63
N GLY B 39 5.79 10.71 -5.65
CA GLY B 39 7.17 10.21 -5.51
C GLY B 39 8.20 11.11 -4.82
N ASP B 40 8.21 12.37 -5.20
CA ASP B 40 9.22 13.30 -4.70
C ASP B 40 8.52 14.36 -3.85
N TYR B 41 7.50 13.96 -3.09
CA TYR B 41 6.67 14.91 -2.34
C TYR B 41 7.34 15.53 -1.11
N VAL B 42 7.13 16.84 -0.91
CA VAL B 42 7.51 17.52 0.34
C VAL B 42 6.28 18.15 1.01
N ALA B 43 6.05 17.81 2.27
CA ALA B 43 4.96 18.38 3.05
C ALA B 43 5.19 19.86 3.34
N ARG B 44 4.09 20.59 3.54
CA ARG B 44 4.07 22.04 3.73
C ARG B 44 4.24 22.35 5.20
N PRO B 45 4.87 23.48 5.54
CA PRO B 45 4.86 23.86 6.97
C PRO B 45 3.43 23.89 7.51
N GLY B 46 3.22 23.38 8.73
CA GLY B 46 1.87 23.23 9.29
C GLY B 46 1.17 21.89 9.03
N ASP B 47 1.61 21.18 8.00
CA ASP B 47 1.10 19.84 7.70
C ASP B 47 1.43 18.87 8.85
N LYS B 48 0.50 17.99 9.19
CA LYS B 48 0.81 16.94 10.16
C LYS B 48 1.44 15.74 9.48
N VAL B 49 2.37 15.12 10.19
CA VAL B 49 3.11 13.97 9.71
C VAL B 49 3.33 12.99 10.82
N ALA B 50 3.67 11.75 10.43
CA ALA B 50 4.26 10.79 11.32
C ALA B 50 5.75 10.96 11.15
N ALA B 51 6.45 11.18 12.26
CA ALA B 51 7.89 11.40 12.18
C ALA B 51 8.63 10.41 13.08
N ARG B 52 9.69 9.81 12.55
CA ARG B 52 10.42 8.75 13.24
C ARG B 52 11.57 9.39 13.98
N VAL B 53 11.42 9.48 15.29
CA VAL B 53 12.38 10.15 16.11
C VAL B 53 13.29 9.14 16.79
N LYS B 54 14.60 9.31 16.62
CA LYS B 54 15.60 8.43 17.21
C LYS B 54 16.05 9.05 18.54
N ALA B 55 15.78 8.36 19.65
CA ALA B 55 16.11 8.88 20.97
C ALA B 55 17.62 8.81 21.14
N VAL B 56 18.14 9.48 22.17
CA VAL B 56 19.61 9.55 22.33
C VAL B 56 20.24 8.15 22.44
N ASP B 57 19.49 7.26 23.09
CA ASP B 57 19.96 5.88 23.32
C ASP B 57 19.68 4.97 22.11
N GLY B 58 19.12 5.56 21.04
CA GLY B 58 18.88 4.84 19.80
C GLY B 58 17.48 4.26 19.62
N ASP B 59 16.64 4.35 20.65
CA ASP B 59 15.26 3.86 20.57
C ASP B 59 14.53 4.65 19.49
N GLU B 60 13.80 3.94 18.62
CA GLU B 60 13.09 4.59 17.50
C GLU B 60 11.60 4.63 17.80
N GLN B 61 10.98 5.79 17.64
CA GLN B 61 9.53 5.93 17.83
C GLN B 61 8.91 6.83 16.77
N TRP B 62 7.87 6.34 16.09
CA TRP B 62 7.07 7.19 15.21
C TRP B 62 6.12 8.06 16.03
N ILE B 63 6.21 9.38 15.84
CA ILE B 63 5.36 10.30 16.59
C ILE B 63 4.59 11.19 15.65
N LEU B 64 3.50 11.75 16.15
CA LEU B 64 2.76 12.81 15.49
C LEU B 64 3.54 14.11 15.63
N ALA B 65 3.73 14.81 14.51
CA ALA B 65 4.47 16.08 14.47
C ALA B 65 3.93 16.98 13.37
N GLU B 66 4.32 18.24 13.43
CA GLU B 66 3.90 19.27 12.49
C GLU B 66 5.14 19.76 11.76
N VAL B 67 5.10 19.79 10.44
CA VAL B 67 6.24 20.25 9.65
C VAL B 67 6.50 21.73 9.95
N VAL B 68 7.76 22.05 10.11
CA VAL B 68 8.22 23.41 10.29
C VAL B 68 8.89 23.88 9.00
N SER B 69 9.86 23.12 8.51
CA SER B 69 10.58 23.51 7.30
C SER B 69 11.19 22.31 6.59
N TYR B 70 11.69 22.52 5.38
CA TYR B 70 12.42 21.50 4.63
C TYR B 70 13.59 22.12 3.88
N SER B 71 14.66 21.37 3.66
CA SER B 71 15.83 21.80 2.85
C SER B 71 16.30 20.74 1.84
N HIS B 72 16.24 21.04 0.53
CA HIS B 72 16.69 20.07 -0.49
C HIS B 72 18.22 19.90 -0.58
N ALA B 73 18.95 20.86 -0.02
CA ALA B 73 20.40 20.71 0.19
C ALA B 73 20.72 19.43 0.96
N THR B 74 20.01 19.21 2.07
CA THR B 74 20.26 18.06 2.94
C THR B 74 19.23 16.96 2.78
N ASN B 75 18.13 17.28 2.09
CA ASN B 75 16.97 16.39 2.06
C ASN B 75 16.46 16.10 3.48
N LYS B 76 16.32 17.17 4.28
CA LYS B 76 15.85 17.09 5.66
C LYS B 76 14.75 18.05 6.01
N TYR B 77 13.88 17.59 6.90
CA TYR B 77 12.83 18.38 7.47
C TYR B 77 13.22 18.88 8.86
N GLU B 78 12.59 19.99 9.26
CA GLU B 78 12.36 20.29 10.68
C GLU B 78 10.88 20.03 11.01
N VAL B 79 10.65 19.28 12.08
CA VAL B 79 9.29 19.04 12.54
C VAL B 79 9.17 19.32 14.04
N ASP B 80 7.96 19.62 14.47
CA ASP B 80 7.68 19.88 15.87
C ASP B 80 6.81 18.77 16.44
N ASP B 81 7.30 18.16 17.51
CA ASP B 81 6.50 17.25 18.32
C ASP B 81 5.20 17.92 18.73
N ILE B 82 4.08 17.30 18.38
CA ILE B 82 2.76 17.93 18.49
C ILE B 82 2.33 18.24 19.91
N ASP B 83 2.99 17.64 20.90
CA ASP B 83 2.57 17.96 22.24
C ASP B 83 3.21 19.29 22.72
N GLU B 84 4.13 19.82 21.91
CA GLU B 84 4.83 21.10 22.15
C GLU B 84 5.44 21.27 23.56
N GLU B 85 5.67 20.13 24.23
CA GLU B 85 6.15 20.14 25.60
C GLU B 85 7.68 20.19 25.58
N GLY B 86 8.25 21.15 26.32
CA GLY B 86 9.71 21.31 26.42
C GLY B 86 10.38 21.65 25.09
N LYS B 87 11.31 20.81 24.64
CA LYS B 87 12.00 21.00 23.36
C LYS B 87 11.37 20.13 22.26
N GLU B 88 10.52 20.76 21.45
CA GLU B 88 9.64 20.02 20.55
C GLU B 88 10.20 19.81 19.13
N ARG B 89 11.30 20.49 18.78
CA ARG B 89 11.78 20.47 17.38
C ARG B 89 12.77 19.36 17.07
N HIS B 90 12.63 18.75 15.89
CA HIS B 90 13.52 17.69 15.43
C HIS B 90 13.88 17.85 13.96
N THR B 91 15.16 17.69 13.65
CA THR B 91 15.66 17.70 12.28
C THR B 91 15.84 16.23 11.84
N LEU B 92 15.24 15.85 10.73
CA LEU B 92 15.30 14.43 10.33
C LEU B 92 15.15 14.26 8.83
N SER B 93 15.66 13.14 8.34
CA SER B 93 15.66 12.85 6.92
C SER B 93 14.21 12.69 6.44
N ARG B 94 13.99 12.95 5.15
CA ARG B 94 12.67 12.83 4.57
C ARG B 94 12.12 11.40 4.69
N ARG B 95 12.99 10.39 4.67
CA ARG B 95 12.52 9.01 4.80
C ARG B 95 12.02 8.72 6.22
N ARG B 96 12.28 9.63 7.16
CA ARG B 96 11.70 9.50 8.51
C ARG B 96 10.37 10.25 8.69
N VAL B 97 9.71 10.64 7.60
CA VAL B 97 8.52 11.44 7.67
C VAL B 97 7.50 10.83 6.72
N ILE B 98 6.32 10.53 7.25
CA ILE B 98 5.16 10.11 6.44
C ILE B 98 4.08 11.17 6.59
N PRO B 99 3.71 11.83 5.49
CA PRO B 99 2.66 12.83 5.55
C PRO B 99 1.35 12.14 5.92
N LEU B 100 0.54 12.74 6.79
CA LEU B 100 -0.80 12.19 7.06
C LEU B 100 -1.72 12.47 5.87
N PRO B 101 -2.79 11.67 5.75
CA PRO B 101 -3.73 11.94 4.66
C PRO B 101 -4.33 13.33 4.78
N GLN B 102 -4.61 13.94 3.62
CA GLN B 102 -5.19 15.28 3.57
C GLN B 102 -6.69 15.23 3.31
N TRP B 103 -7.19 14.07 2.89
CA TRP B 103 -8.62 13.75 2.84
C TRP B 103 -8.91 12.44 3.51
N LYS B 104 -10.12 12.29 4.05
CA LYS B 104 -10.72 10.99 4.31
C LYS B 104 -11.12 10.37 2.99
N ALA B 105 -10.90 9.08 2.84
CA ALA B 105 -11.50 8.39 1.74
C ALA B 105 -12.94 8.03 2.10
N ASN B 106 -13.88 8.33 1.20
CA ASN B 106 -15.27 7.91 1.38
C ASN B 106 -15.44 6.43 0.99
N PRO B 107 -15.75 5.56 1.96
CA PRO B 107 -15.91 4.14 1.65
C PRO B 107 -16.94 3.86 0.53
N GLU B 108 -17.93 4.72 0.39
CA GLU B 108 -18.99 4.53 -0.62
C GLU B 108 -18.49 4.76 -2.05
N THR B 109 -17.59 5.73 -2.20
CA THR B 109 -17.15 6.17 -3.51
C THR B 109 -15.73 5.69 -3.84
N ASP B 110 -14.87 5.60 -2.82
CA ASP B 110 -13.47 5.30 -3.08
C ASP B 110 -12.83 4.23 -2.16
N PRO B 111 -13.34 2.98 -2.21
CA PRO B 111 -12.77 1.95 -1.33
C PRO B 111 -11.34 1.61 -1.69
N GLU B 112 -10.93 1.83 -2.93
CA GLU B 112 -9.54 1.66 -3.29
C GLU B 112 -8.58 2.61 -2.54
N ALA B 113 -9.10 3.63 -1.86
CA ALA B 113 -8.26 4.52 -1.04
C ALA B 113 -8.29 4.20 0.47
N LEU B 114 -8.77 3.01 0.81
CA LEU B 114 -8.78 2.53 2.19
C LEU B 114 -7.82 1.35 2.36
N PHE B 115 -7.13 1.29 3.50
CA PHE B 115 -6.41 0.10 3.90
C PHE B 115 -7.37 -1.05 4.12
N GLN B 116 -6.99 -2.24 3.70
CA GLN B 116 -7.93 -3.34 3.79
C GLN B 116 -7.65 -4.27 4.96
N LYS B 117 -8.64 -5.11 5.27
CA LYS B 117 -8.52 -6.09 6.35
C LYS B 117 -7.22 -6.87 6.25
N GLU B 118 -6.50 -7.01 7.39
CA GLU B 118 -5.22 -7.71 7.52
C GLU B 118 -3.99 -6.93 7.06
N GLN B 119 -4.16 -5.74 6.52
CA GLN B 119 -3.02 -4.97 6.04
C GLN B 119 -2.24 -4.46 7.23
N LEU B 120 -0.92 -4.52 7.14
CA LEU B 120 -0.04 -3.97 8.18
C LEU B 120 0.04 -2.43 8.02
N VAL B 121 -0.18 -1.68 9.10
CA VAL B 121 -0.15 -0.22 9.07
C VAL B 121 0.62 0.31 10.27
N LEU B 122 0.89 1.61 10.27
CA LEU B 122 1.24 2.34 11.50
C LEU B 122 0.01 3.13 11.89
N ALA B 123 -0.41 2.99 13.15
CA ALA B 123 -1.61 3.69 13.63
C ALA B 123 -1.37 4.37 14.96
N LEU B 124 -2.00 5.53 15.12
CA LEU B 124 -1.87 6.32 16.34
C LEU B 124 -2.59 5.60 17.47
N TYR B 125 -1.86 5.29 18.54
CA TYR B 125 -2.52 4.59 19.63
C TYR B 125 -3.45 5.57 20.34
N PRO B 126 -4.70 5.15 20.62
CA PRO B 126 -5.67 6.05 21.24
C PRO B 126 -5.14 6.67 22.51
N GLN B 127 -5.42 7.96 22.68
CA GLN B 127 -5.00 8.75 23.83
C GLN B 127 -3.48 8.91 23.93
N THR B 128 -2.78 8.69 22.81
CA THR B 128 -1.33 8.98 22.68
C THR B 128 -1.10 9.85 21.43
N THR B 129 0.15 10.29 21.27
CA THR B 129 0.59 10.93 20.02
C THR B 129 1.68 10.08 19.36
N CYS B 130 1.68 8.78 19.64
CA CYS B 130 2.65 7.84 19.05
C CYS B 130 2.01 6.81 18.12
N PHE B 131 2.69 6.51 17.02
CA PHE B 131 2.23 5.52 16.03
C PHE B 131 2.93 4.20 16.32
N TYR B 132 2.22 3.08 16.15
CA TYR B 132 2.75 1.75 16.36
C TYR B 132 2.20 0.82 15.32
N ARG B 133 2.90 -0.31 15.14
CA ARG B 133 2.48 -1.34 14.21
C ARG B 133 1.13 -1.98 14.57
N ALA B 134 0.29 -2.17 13.55
CA ALA B 134 -1.01 -2.76 13.78
C ALA B 134 -1.49 -3.39 12.47
N LEU B 135 -2.45 -4.31 12.58
CA LEU B 135 -3.16 -4.87 11.42
C LEU B 135 -4.55 -4.30 11.36
N ILE B 136 -5.04 -4.03 10.16
CA ILE B 136 -6.41 -3.61 10.01
C ILE B 136 -7.34 -4.78 10.38
N HIS B 137 -8.29 -4.52 11.26
CA HIS B 137 -9.38 -5.45 11.57
C HIS B 137 -10.59 -5.13 10.67
N ALA B 138 -10.86 -3.83 10.50
CA ALA B 138 -11.96 -3.38 9.63
C ALA B 138 -11.75 -1.97 9.09
N PRO B 139 -11.89 -1.80 7.75
CA PRO B 139 -11.92 -0.44 7.21
C PRO B 139 -13.27 0.24 7.54
N PRO B 140 -13.33 1.59 7.50
CA PRO B 140 -14.62 2.21 7.77
C PRO B 140 -15.63 1.83 6.70
N GLN B 141 -16.90 1.66 7.09
CA GLN B 141 -17.96 1.32 6.12
C GLN B 141 -18.72 2.56 5.73
N ARG B 142 -18.70 3.53 6.63
CA ARG B 142 -19.37 4.82 6.42
C ARG B 142 -18.33 5.92 6.41
N PRO B 143 -18.65 7.06 5.77
CA PRO B 143 -17.77 8.25 5.71
C PRO B 143 -17.16 8.77 7.03
N GLN B 144 -17.87 8.65 8.15
CA GLN B 144 -17.35 9.19 9.43
C GLN B 144 -16.67 8.14 10.33
N ASP B 145 -16.58 6.90 9.86
CA ASP B 145 -16.16 5.82 10.73
C ASP B 145 -14.64 5.70 10.82
N ASP B 146 -14.16 5.29 11.99
CA ASP B 146 -12.74 4.96 12.17
C ASP B 146 -12.39 3.65 11.51
N TYR B 147 -11.09 3.44 11.30
CA TYR B 147 -10.58 2.08 11.17
C TYR B 147 -10.72 1.36 12.50
N SER B 148 -10.93 0.04 12.45
CA SER B 148 -10.73 -0.81 13.62
C SER B 148 -9.41 -1.53 13.37
N VAL B 149 -8.51 -1.47 14.35
CA VAL B 149 -7.20 -2.07 14.17
C VAL B 149 -6.82 -2.99 15.35
N LEU B 150 -5.93 -3.93 15.09
CA LEU B 150 -5.32 -4.73 16.16
C LEU B 150 -3.88 -4.31 16.30
N PHE B 151 -3.56 -3.64 17.39
CA PHE B 151 -2.19 -3.28 17.66
C PHE B 151 -1.38 -4.49 18.10
N GLU B 152 -0.12 -4.54 17.68
CA GLU B 152 0.81 -5.53 18.20
C GLU B 152 1.02 -5.14 19.66
N ASP B 153 0.90 -6.12 20.55
CA ASP B 153 0.85 -5.86 21.97
C ASP B 153 1.23 -7.15 22.68
N THR B 154 2.47 -7.20 23.15
CA THR B 154 2.98 -8.38 23.82
C THR B 154 2.38 -8.61 25.22
N SER B 155 1.65 -7.63 25.77
CA SER B 155 0.92 -7.88 27.03
C SER B 155 -0.27 -8.85 26.89
N TYR B 156 -0.61 -9.22 25.65
CA TYR B 156 -1.59 -10.28 25.35
C TYR B 156 -0.85 -11.52 24.92
N ALA B 157 -1.31 -12.68 25.36
CA ALA B 157 -0.64 -13.95 25.04
C ALA B 157 -0.51 -14.22 23.53
N ASP B 158 -1.50 -13.76 22.75
CA ASP B 158 -1.48 -13.95 21.30
C ASP B 158 -0.90 -12.75 20.54
N GLY B 159 -0.41 -11.77 21.29
CA GLY B 159 0.40 -10.67 20.73
C GLY B 159 -0.37 -9.52 20.07
N TYR B 160 -1.69 -9.49 20.26
CA TYR B 160 -2.55 -8.44 19.67
C TYR B 160 -3.56 -7.89 20.64
N SER B 161 -3.81 -6.58 20.51
CA SER B 161 -4.84 -5.90 21.27
C SER B 161 -6.21 -6.38 20.78
N PRO B 162 -7.29 -6.11 21.56
CA PRO B 162 -8.63 -6.18 20.95
C PRO B 162 -8.74 -5.11 19.86
N PRO B 163 -9.76 -5.19 19.01
CA PRO B 163 -9.96 -4.10 18.07
C PRO B 163 -10.11 -2.72 18.73
N LEU B 164 -9.28 -1.78 18.31
CA LEU B 164 -9.33 -0.37 18.74
C LEU B 164 -9.61 0.56 17.57
N ASN B 165 -10.35 1.63 17.84
CA ASN B 165 -10.74 2.59 16.80
C ASN B 165 -9.67 3.66 16.63
N VAL B 166 -9.24 3.88 15.38
CA VAL B 166 -8.30 4.93 14.97
C VAL B 166 -8.82 5.60 13.68
N ALA B 167 -8.88 6.92 13.69
CA ALA B 167 -9.42 7.70 12.58
C ALA B 167 -8.56 7.63 11.33
N GLN B 168 -9.17 7.89 10.17
CA GLN B 168 -8.41 7.85 8.94
C GLN B 168 -7.17 8.74 8.94
N ARG B 169 -7.25 9.90 9.58
CA ARG B 169 -6.14 10.84 9.63
C ARG B 169 -4.89 10.23 10.28
N TYR B 170 -5.10 9.25 11.13
CA TYR B 170 -4.02 8.69 11.97
C TYR B 170 -3.66 7.24 11.66
N VAL B 171 -4.02 6.79 10.46
CA VAL B 171 -3.55 5.50 9.98
C VAL B 171 -2.74 5.70 8.71
N VAL B 172 -1.47 5.31 8.74
CA VAL B 172 -0.56 5.42 7.57
C VAL B 172 0.20 4.14 7.24
N ALA B 173 0.90 4.15 6.12
CA ALA B 173 1.65 2.99 5.61
C ALA B 173 2.67 2.56 6.67
N CYS B 174 2.84 1.24 6.84
CA CYS B 174 3.78 0.73 7.85
C CYS B 174 5.25 0.79 7.40
N LYS B 175 5.93 1.85 7.82
CA LYS B 175 7.32 2.05 7.49
C LYS B 175 8.21 1.68 8.69
N GLU B 176 7.71 0.80 9.55
CA GLU B 176 8.44 0.38 10.73
C GLU B 176 8.69 -1.15 10.77
N PRO B 177 9.97 -1.58 10.76
CA PRO B 177 10.29 -3.02 10.87
C PRO B 177 9.95 -3.60 12.26
N LYS B 178 9.76 -4.92 12.35
CA LYS B 178 9.32 -5.59 13.61
C LYS B 178 10.26 -5.48 14.82
N ALA C 1 -4.71 -13.07 -24.22
CA ALA C 1 -4.40 -13.53 -22.84
C ALA C 1 -4.92 -14.95 -22.71
N ALA C 2 -4.39 -15.68 -21.74
CA ALA C 2 -4.92 -17.01 -21.46
C ALA C 2 -5.75 -16.84 -20.20
N THR C 3 -7.04 -17.17 -20.28
CA THR C 3 -7.94 -17.04 -19.12
C THR C 3 -8.18 -18.39 -18.43
N M3L C 4 -8.77 -18.31 -17.24
CA M3L C 4 -9.22 -19.49 -16.53
CB M3L C 4 -9.68 -19.09 -15.11
CG M3L C 4 -9.57 -20.27 -14.16
CD M3L C 4 -9.56 -19.82 -12.70
CE M3L C 4 -10.86 -19.09 -12.37
NZ M3L C 4 -11.08 -18.95 -10.92
C M3L C 4 -10.32 -20.19 -17.29
O M3L C 4 -10.19 -21.40 -17.57
CM1 M3L C 4 -11.34 -20.25 -10.30
CM2 M3L C 4 -12.27 -18.08 -10.77
CM3 M3L C 4 -9.91 -18.35 -10.24
N ALA D 1 6.43 13.66 23.06
CA ALA D 1 5.29 12.80 22.60
C ALA D 1 4.63 12.16 23.82
N ALA D 2 3.33 11.90 23.71
CA ALA D 2 2.60 11.15 24.74
C ALA D 2 2.68 9.70 24.30
N THR D 3 3.33 8.87 25.12
CA THR D 3 3.60 7.49 24.75
C THR D 3 2.55 6.57 25.37
N M3L D 4 2.49 5.34 24.87
CA M3L D 4 1.66 4.30 25.45
CB M3L D 4 1.47 3.24 24.35
CG M3L D 4 0.79 1.96 24.82
CD M3L D 4 0.60 1.05 23.61
CE M3L D 4 1.87 0.25 23.27
NZ M3L D 4 1.62 -0.80 22.25
C M3L D 4 2.39 3.76 26.65
O M3L D 4 1.82 3.71 27.74
CM1 M3L D 4 0.65 -1.78 22.74
CM2 M3L D 4 2.89 -1.47 21.95
CM3 M3L D 4 1.06 -0.18 21.04
S SO4 E . -12.98 4.02 -17.23
O1 SO4 E . -12.45 3.49 -18.48
O2 SO4 E . -11.94 3.85 -16.21
O3 SO4 E . -13.30 5.44 -17.34
O4 SO4 E . -14.18 3.28 -16.88
C1 GOL F . -5.19 10.37 19.80
O1 GOL F . -4.56 9.14 19.71
C2 GOL F . -6.68 10.13 19.79
O2 GOL F . -7.12 9.58 21.02
C3 GOL F . -7.38 11.46 19.54
O3 GOL F . -8.75 11.17 19.31
S SO4 G . 18.40 8.47 8.68
O1 SO4 G . 17.06 8.37 8.08
O2 SO4 G . 19.35 8.38 7.58
O3 SO4 G . 18.58 9.74 9.36
O4 SO4 G . 18.62 7.40 9.66
#